data_7MS5
#
_entry.id   7MS5
#
_cell.length_a   61.697
_cell.length_b   84.494
_cell.length_c   59.642
_cell.angle_alpha   90.000
_cell.angle_beta   98.270
_cell.angle_gamma   90.000
#
_symmetry.space_group_name_H-M   'C 1 2 1'
#
loop_
_entity.id
_entity.type
_entity.pdbx_description
1 polymer 'Ubiquitin carboxyl-terminal hydrolase 5'
2 non-polymer 'ZINC ION'
3 non-polymer '4-{4-[4-(3,4-difluorophenyl)piperidine-1-sulfonyl]phenyl}-4-oxobutanoic acid'
4 non-polymer 1,2-ETHANEDIOL
5 non-polymer 'CALCIUM ION'
6 water water
#
_entity_poly.entity_id   1
_entity_poly.type   'polypeptide(L)'
_entity_poly.pdbx_seq_one_letter_code
;GGEVRQVSKHAFSLKQLDNPARIPPCGWKCSKCDMRENLWLNLTDGSILCGRRYFDGSGGNNHAVEHYRETGYPLAVKLG
TITPDGADVYSYDEDDMVLDPSLAEHLSHFGIDMLKMQKTD
;
_entity_poly.pdbx_strand_id   A,B
#
loop_
_chem_comp.id
_chem_comp.type
_chem_comp.name
_chem_comp.formula
CA non-polymer 'CALCIUM ION' 'Ca 2'
EDO non-polymer 1,2-ETHANEDIOL 'C2 H6 O2'
ZN non-polymer 'ZINC ION' 'Zn 2'
ZOG non-polymer '4-{4-[4-(3,4-difluorophenyl)piperidine-1-sulfonyl]phenyl}-4-oxobutanoic acid' 'C21 H21 F2 N O5 S'
#
# COMPACT_ATOMS: atom_id res chain seq x y z
N GLY A 2 7.71 33.15 8.31
CA GLY A 2 6.84 33.41 7.12
C GLY A 2 6.16 32.15 6.61
N GLU A 3 5.40 32.27 5.51
CA GLU A 3 4.63 31.18 4.86
C GLU A 3 5.57 30.17 4.15
N VAL A 4 6.67 30.64 3.54
CA VAL A 4 7.59 29.80 2.69
C VAL A 4 8.36 28.84 3.58
N ARG A 5 8.58 27.60 3.14
CA ARG A 5 9.29 26.61 3.99
C ARG A 5 10.78 26.78 3.82
N GLN A 6 11.47 27.09 4.92
CA GLN A 6 12.92 27.33 4.94
C GLN A 6 13.65 25.98 5.06
N VAL A 7 14.91 25.93 4.62
CA VAL A 7 15.76 24.73 4.71
C VAL A 7 16.00 24.43 6.20
N SER A 8 15.74 23.20 6.64
CA SER A 8 16.07 22.79 8.02
C SER A 8 17.59 22.82 8.21
N LYS A 9 18.06 23.28 9.36
CA LYS A 9 19.51 23.25 9.69
C LYS A 9 19.99 21.80 9.86
N HIS A 10 19.07 20.83 9.99
CA HIS A 10 19.39 19.38 10.18
C HIS A 10 19.52 18.67 8.84
N ALA A 11 19.03 19.26 7.74
CA ALA A 11 18.77 18.51 6.49
C ALA A 11 20.10 18.00 5.92
N PHE A 12 21.11 18.85 5.84
CA PHE A 12 22.38 18.54 5.14
C PHE A 12 23.07 17.36 5.84
N SER A 13 23.20 17.42 7.17
CA SER A 13 24.07 16.53 7.96
C SER A 13 23.27 15.45 8.70
N LEU A 14 21.98 15.25 8.40
CA LEU A 14 21.13 14.30 9.16
C LEU A 14 21.80 12.92 9.17
N LYS A 15 22.01 12.33 10.34
CA LYS A 15 22.51 10.94 10.45
C LYS A 15 21.31 10.01 10.41
N GLN A 16 21.26 9.13 9.41
CA GLN A 16 20.23 8.08 9.29
C GLN A 16 20.89 6.79 9.76
N LEU A 17 20.19 6.06 10.62
CA LEU A 17 20.72 4.84 11.27
C LEU A 17 20.84 3.74 10.21
N ASP A 18 21.78 2.83 10.40
CA ASP A 18 22.04 1.64 9.55
C ASP A 18 20.89 0.62 9.69
N ASN A 19 20.77 -0.27 8.71
CA ASN A 19 19.75 -1.34 8.72
C ASN A 19 18.34 -0.74 8.80
N PRO A 20 18.00 0.25 7.95
CA PRO A 20 16.66 0.81 7.92
C PRO A 20 15.65 -0.22 7.43
N ALA A 21 14.40 -0.08 7.89
CA ALA A 21 13.24 -0.83 7.34
C ALA A 21 13.07 -0.39 5.89
N ARG A 22 12.51 -1.27 5.07
CA ARG A 22 11.91 -0.94 3.76
C ARG A 22 10.48 -0.46 4.01
N ILE A 23 10.23 0.82 3.82
CA ILE A 23 8.91 1.46 4.06
C ILE A 23 8.06 1.26 2.81
N PRO A 24 6.87 0.63 2.90
CA PRO A 24 6.06 0.35 1.72
C PRO A 24 5.41 1.63 1.20
N PRO A 25 4.84 1.58 -0.02
CA PRO A 25 4.19 2.77 -0.61
C PRO A 25 2.80 3.06 -0.04
N CYS A 26 2.27 2.19 0.80
CA CYS A 26 0.93 2.37 1.44
C CYS A 26 0.78 1.37 2.59
N GLY A 27 -0.33 1.46 3.31
CA GLY A 27 -0.84 0.42 4.22
C GLY A 27 -0.24 0.53 5.62
N TRP A 28 0.33 1.67 5.98
CA TRP A 28 1.12 1.85 7.24
C TRP A 28 0.16 1.90 8.43
N LYS A 29 0.68 1.57 9.61
N LYS A 29 0.68 1.59 9.62
CA LYS A 29 0.04 1.78 10.93
CA LYS A 29 -0.01 1.86 10.91
C LYS A 29 1.04 2.47 11.87
C LYS A 29 1.01 2.43 11.90
N CYS A 30 0.55 3.29 12.80
CA CYS A 30 1.32 3.72 13.98
C CYS A 30 1.80 2.47 14.72
N SER A 31 3.07 2.38 15.05
CA SER A 31 3.61 1.20 15.74
C SER A 31 3.16 1.18 17.22
N LYS A 32 2.52 2.27 17.70
CA LYS A 32 2.12 2.38 19.13
C LYS A 32 0.61 2.34 19.31
N CYS A 33 -0.18 2.47 18.24
CA CYS A 33 -1.66 2.46 18.36
C CYS A 33 -2.28 2.06 17.01
N ASP A 34 -3.60 2.15 16.87
CA ASP A 34 -4.34 1.56 15.71
C ASP A 34 -4.45 2.55 14.55
N MET A 35 -3.88 3.75 14.66
CA MET A 35 -4.10 4.80 13.62
C MET A 35 -3.42 4.39 12.31
N ARG A 36 -4.16 4.54 11.21
CA ARG A 36 -3.70 4.24 9.82
C ARG A 36 -3.71 5.51 8.98
N GLU A 37 -4.00 6.65 9.59
CA GLU A 37 -3.87 7.94 8.91
C GLU A 37 -3.05 8.88 9.81
N ASN A 38 -2.61 10.02 9.27
CA ASN A 38 -1.83 11.03 10.04
C ASN A 38 -0.59 10.36 10.66
N LEU A 39 0.20 9.67 9.84
CA LEU A 39 1.42 8.94 10.26
C LEU A 39 2.69 9.65 9.77
N TRP A 40 3.67 9.77 10.64
CA TRP A 40 4.92 10.50 10.38
C TRP A 40 6.10 9.53 10.46
N LEU A 41 6.88 9.49 9.39
CA LEU A 41 8.11 8.70 9.27
C LEU A 41 9.25 9.56 9.78
N ASN A 42 9.85 9.19 10.91
CA ASN A 42 11.06 9.88 11.37
C ASN A 42 12.23 9.51 10.44
N LEU A 43 12.90 10.51 9.87
CA LEU A 43 13.95 10.32 8.83
C LEU A 43 15.24 9.76 9.44
N THR A 44 15.45 9.85 10.76
CA THR A 44 16.65 9.24 11.40
C THR A 44 16.48 7.73 11.48
N ASP A 45 15.35 7.24 11.98
CA ASP A 45 15.23 5.82 12.42
C ASP A 45 14.08 5.10 11.70
N GLY A 46 13.34 5.75 10.83
CA GLY A 46 12.26 5.08 10.07
C GLY A 46 11.12 4.61 10.95
N SER A 47 10.95 5.15 12.17
CA SER A 47 9.74 4.90 13.01
C SER A 47 8.54 5.53 12.32
N ILE A 48 7.39 4.85 12.36
CA ILE A 48 6.10 5.34 11.82
C ILE A 48 5.18 5.51 13.00
N LEU A 49 4.84 6.76 13.31
CA LEU A 49 4.09 7.11 14.55
C LEU A 49 3.09 8.23 14.24
N CYS A 50 2.01 8.29 14.99
CA CYS A 50 0.89 9.21 14.68
C CYS A 50 1.22 10.66 15.09
N GLY A 51 0.57 11.58 14.41
CA GLY A 51 0.70 13.02 14.62
C GLY A 51 0.09 13.44 15.93
N ARG A 52 0.38 14.67 16.32
CA ARG A 52 -0.01 15.19 17.63
C ARG A 52 -1.51 15.51 17.69
N ARG A 53 -2.03 15.57 18.91
CA ARG A 53 -3.33 16.16 19.26
C ARG A 53 -3.16 17.67 19.33
N TYR A 54 -3.75 18.38 18.38
CA TYR A 54 -3.82 19.86 18.38
C TYR A 54 -4.77 20.32 19.51
N PHE A 55 -4.64 21.59 19.87
CA PHE A 55 -5.35 22.17 21.04
C PHE A 55 -6.84 22.32 20.73
N ASP A 56 -7.26 22.07 19.48
CA ASP A 56 -8.70 22.00 19.12
C ASP A 56 -9.22 20.57 19.36
N GLY A 57 -8.35 19.60 19.67
CA GLY A 57 -8.71 18.18 19.89
C GLY A 57 -8.72 17.35 18.59
N SER A 58 -8.44 17.96 17.44
CA SER A 58 -8.15 17.21 16.18
C SER A 58 -6.74 16.60 16.26
N GLY A 59 -6.47 15.63 15.36
CA GLY A 59 -5.15 14.99 15.21
C GLY A 59 -5.09 13.63 15.88
N GLY A 60 -3.86 13.13 16.10
CA GLY A 60 -3.59 11.75 16.53
C GLY A 60 -3.28 11.65 18.01
N ASN A 61 -2.49 10.65 18.40
CA ASN A 61 -2.28 10.27 19.82
C ASN A 61 -0.85 10.64 20.27
N ASN A 62 -0.20 11.59 19.59
CA ASN A 62 1.09 12.23 20.03
C ASN A 62 2.28 11.26 19.95
N HIS A 63 2.18 10.14 19.26
CA HIS A 63 3.23 9.09 19.33
C HIS A 63 4.53 9.59 18.67
N ALA A 64 4.45 10.32 17.56
CA ALA A 64 5.64 10.84 16.85
C ALA A 64 6.31 11.92 17.73
N VAL A 65 5.52 12.78 18.39
CA VAL A 65 6.13 13.87 19.23
CA VAL A 65 6.02 13.87 19.29
C VAL A 65 6.75 13.26 20.48
N GLU A 66 6.10 12.29 21.12
CA GLU A 66 6.66 11.56 22.29
C GLU A 66 7.98 10.90 21.87
N HIS A 67 8.05 10.33 20.67
CA HIS A 67 9.28 9.68 20.17
C HIS A 67 10.39 10.73 19.99
N TYR A 68 10.06 11.91 19.46
CA TYR A 68 11.01 13.05 19.36
C TYR A 68 11.55 13.40 20.75
N ARG A 69 10.68 13.55 21.74
CA ARG A 69 11.12 13.97 23.10
C ARG A 69 12.12 12.93 23.64
N GLU A 70 11.92 11.65 23.39
CA GLU A 70 12.84 10.57 23.87
C GLU A 70 14.16 10.54 23.05
N THR A 71 14.14 10.84 21.74
CA THR A 71 15.31 10.54 20.85
C THR A 71 16.05 11.82 20.45
N GLY A 72 15.36 12.94 20.36
CA GLY A 72 15.89 14.19 19.80
C GLY A 72 15.99 14.14 18.29
N TYR A 73 15.41 13.13 17.63
CA TYR A 73 15.47 12.97 16.15
C TYR A 73 14.49 13.94 15.50
N PRO A 74 14.99 15.01 14.82
CA PRO A 74 14.18 16.19 14.55
C PRO A 74 13.26 16.19 13.33
N LEU A 75 13.58 15.43 12.27
CA LEU A 75 12.88 15.51 10.98
C LEU A 75 11.94 14.31 10.84
N ALA A 76 10.70 14.58 10.43
CA ALA A 76 9.71 13.54 10.09
C ALA A 76 8.98 13.95 8.81
N VAL A 77 8.55 12.97 8.01
CA VAL A 77 7.79 13.19 6.77
C VAL A 77 6.41 12.54 6.93
N LYS A 78 5.37 13.26 6.52
CA LYS A 78 4.00 12.76 6.63
C LYS A 78 3.75 11.79 5.49
N LEU A 79 3.54 10.55 5.85
CA LEU A 79 3.25 9.47 4.89
C LEU A 79 1.92 9.79 4.19
N GLY A 80 1.87 9.60 2.86
CA GLY A 80 0.72 10.00 2.01
C GLY A 80 0.92 11.38 1.37
N THR A 81 1.96 12.16 1.73
CA THR A 81 2.21 13.49 1.12
C THR A 81 3.43 13.44 0.20
N ILE A 82 4.07 12.28 0.09
CA ILE A 82 5.31 12.15 -0.73
C ILE A 82 4.87 12.04 -2.19
N THR A 83 5.32 12.96 -3.03
CA THR A 83 5.11 12.93 -4.49
C THR A 83 6.44 13.18 -5.17
N PRO A 84 6.49 13.16 -6.52
CA PRO A 84 7.67 13.59 -7.26
C PRO A 84 8.11 15.03 -6.98
N ASP A 85 7.23 15.86 -6.41
CA ASP A 85 7.50 17.31 -6.23
C ASP A 85 7.90 17.62 -4.79
N GLY A 86 7.92 16.63 -3.90
CA GLY A 86 8.39 16.78 -2.51
C GLY A 86 7.47 16.06 -1.53
N ALA A 87 7.28 16.63 -0.35
CA ALA A 87 6.53 16.03 0.76
C ALA A 87 6.34 17.06 1.87
N ASP A 88 5.45 16.77 2.81
CA ASP A 88 5.31 17.55 4.06
C ASP A 88 6.38 17.07 5.03
N VAL A 89 7.35 17.93 5.35
CA VAL A 89 8.45 17.62 6.31
C VAL A 89 8.37 18.59 7.48
N TYR A 90 8.36 18.03 8.71
CA TYR A 90 8.31 18.82 9.97
C TYR A 90 9.61 18.66 10.73
N SER A 91 10.11 19.75 11.30
CA SER A 91 11.23 19.79 12.26
C SER A 91 10.69 20.07 13.66
N TYR A 92 10.77 19.09 14.56
CA TYR A 92 10.31 19.25 15.96
C TYR A 92 11.17 20.31 16.66
N ASP A 93 12.46 20.30 16.35
CA ASP A 93 13.51 21.16 16.96
C ASP A 93 13.27 22.62 16.57
N GLU A 94 13.04 22.88 15.28
CA GLU A 94 12.79 24.25 14.75
C GLU A 94 11.31 24.59 14.88
N ASP A 95 10.47 23.59 15.15
CA ASP A 95 8.99 23.75 15.35
C ASP A 95 8.37 24.45 14.14
N ASP A 96 8.48 23.81 12.98
CA ASP A 96 8.04 24.37 11.67
C ASP A 96 8.04 23.25 10.61
N MET A 97 7.15 23.36 9.64
CA MET A 97 7.28 22.70 8.33
C MET A 97 8.55 23.26 7.68
N VAL A 98 9.36 22.40 7.07
CA VAL A 98 10.71 22.77 6.56
C VAL A 98 10.91 22.12 5.20
N LEU A 99 11.94 22.60 4.51
CA LEU A 99 12.46 22.03 3.26
C LEU A 99 13.67 21.16 3.62
N ASP A 100 13.69 19.95 3.10
CA ASP A 100 14.84 19.03 3.20
C ASP A 100 15.40 18.89 1.79
N PRO A 101 16.46 19.65 1.42
CA PRO A 101 17.05 19.56 0.08
C PRO A 101 17.57 18.14 -0.24
N SER A 102 17.82 17.34 0.80
CA SER A 102 18.32 15.96 0.66
C SER A 102 17.19 14.96 0.83
N LEU A 103 15.93 15.38 0.60
CA LEU A 103 14.73 14.51 0.83
C LEU A 103 14.87 13.23 0.00
N ALA A 104 15.23 13.35 -1.29
CA ALA A 104 15.27 12.17 -2.20
C ALA A 104 16.23 11.11 -1.61
N GLU A 105 17.41 11.51 -1.14
CA GLU A 105 18.39 10.61 -0.51
C GLU A 105 17.82 10.08 0.81
N HIS A 106 17.17 10.93 1.62
CA HIS A 106 16.70 10.51 2.96
C HIS A 106 15.58 9.48 2.81
N LEU A 107 14.73 9.61 1.78
CA LEU A 107 13.66 8.64 1.47
C LEU A 107 14.24 7.37 0.83
N SER A 108 15.22 7.52 -0.06
CA SER A 108 15.90 6.37 -0.73
C SER A 108 16.52 5.44 0.32
N HIS A 109 17.02 6.00 1.43
CA HIS A 109 17.50 5.24 2.62
C HIS A 109 16.46 4.19 3.06
N PHE A 110 15.16 4.47 2.95
CA PHE A 110 14.08 3.55 3.42
C PHE A 110 13.47 2.77 2.24
N GLY A 111 14.13 2.82 1.09
CA GLY A 111 13.68 2.19 -0.17
C GLY A 111 12.47 2.90 -0.76
N ILE A 112 12.26 4.19 -0.47
CA ILE A 112 11.15 5.01 -1.03
C ILE A 112 11.69 5.76 -2.25
N ASP A 113 11.11 5.50 -3.43
CA ASP A 113 11.37 6.25 -4.69
C ASP A 113 10.26 7.29 -4.84
N MET A 114 10.53 8.55 -4.51
CA MET A 114 9.47 9.58 -4.51
C MET A 114 9.04 9.79 -5.96
N LEU A 115 10.02 9.83 -6.89
CA LEU A 115 9.86 9.98 -8.38
C LEU A 115 8.76 9.05 -8.89
N LYS A 116 8.52 7.92 -8.21
CA LYS A 116 7.44 6.95 -8.54
C LYS A 116 6.21 7.29 -7.69
C VAL B 4 -25.52 -18.05 -6.38
N ARG B 5 -24.33 -17.91 -5.81
CA ARG B 5 -23.05 -18.30 -6.48
C ARG B 5 -22.78 -19.76 -6.17
N GLN B 6 -22.35 -20.53 -7.16
CA GLN B 6 -22.05 -21.98 -7.06
C GLN B 6 -20.54 -22.17 -6.88
N VAL B 7 -20.15 -23.32 -6.33
CA VAL B 7 -18.72 -23.71 -6.22
C VAL B 7 -18.15 -23.89 -7.63
N SER B 8 -17.07 -23.16 -7.97
CA SER B 8 -16.32 -23.39 -9.22
C SER B 8 -15.83 -24.84 -9.28
N LYS B 9 -15.88 -25.44 -10.46
CA LYS B 9 -15.30 -26.78 -10.70
C LYS B 9 -13.78 -26.70 -10.64
N HIS B 10 -13.18 -25.51 -10.70
CA HIS B 10 -11.70 -25.32 -10.63
C HIS B 10 -11.20 -25.23 -9.19
N ALA B 11 -12.06 -25.03 -8.21
CA ALA B 11 -11.69 -24.45 -6.90
C ALA B 11 -10.78 -25.42 -6.12
N PHE B 12 -11.27 -26.61 -5.83
CA PHE B 12 -10.53 -27.58 -4.98
C PHE B 12 -9.20 -27.97 -5.63
N SER B 13 -9.19 -28.21 -6.94
CA SER B 13 -8.04 -28.77 -7.69
C SER B 13 -7.13 -27.67 -8.28
N LEU B 14 -7.37 -26.38 -8.04
CA LEU B 14 -6.56 -25.28 -8.66
C LEU B 14 -5.06 -25.54 -8.39
N LYS B 15 -4.24 -25.60 -9.44
CA LYS B 15 -2.76 -25.63 -9.35
C LYS B 15 -2.23 -24.20 -9.37
N GLN B 16 -1.60 -23.76 -8.30
CA GLN B 16 -0.95 -22.43 -8.24
C GLN B 16 0.55 -22.59 -8.54
N LEU B 17 1.13 -21.67 -9.33
CA LEU B 17 2.56 -21.73 -9.76
C LEU B 17 3.47 -21.47 -8.54
N ASP B 18 4.68 -22.02 -8.55
CA ASP B 18 5.64 -21.69 -7.48
C ASP B 18 6.22 -20.31 -7.78
N ASN B 19 6.99 -19.82 -6.82
CA ASN B 19 7.67 -18.51 -6.85
C ASN B 19 6.61 -17.44 -6.98
N PRO B 20 5.47 -17.54 -6.24
CA PRO B 20 4.46 -16.50 -6.29
C PRO B 20 5.06 -15.18 -5.75
N ALA B 21 4.57 -14.05 -6.24
CA ALA B 21 4.76 -12.73 -5.64
C ALA B 21 4.08 -12.68 -4.26
N ARG B 22 4.64 -11.90 -3.36
CA ARG B 22 3.91 -11.39 -2.17
C ARG B 22 2.99 -10.29 -2.68
N ILE B 23 1.70 -10.57 -2.73
CA ILE B 23 0.71 -9.53 -3.09
C ILE B 23 0.53 -8.63 -1.89
N PRO B 24 0.76 -7.32 -2.05
CA PRO B 24 0.70 -6.40 -0.93
C PRO B 24 -0.75 -6.09 -0.55
N PRO B 25 -0.98 -5.50 0.65
CA PRO B 25 -2.33 -5.29 1.17
C PRO B 25 -3.02 -4.05 0.59
N CYS B 26 -2.37 -3.34 -0.31
CA CYS B 26 -2.86 -2.05 -0.86
C CYS B 26 -2.02 -1.64 -2.07
N GLY B 27 -2.52 -0.68 -2.85
CA GLY B 27 -1.73 0.12 -3.81
C GLY B 27 -1.55 -0.60 -5.14
N TRP B 28 -2.47 -1.50 -5.51
CA TRP B 28 -2.32 -2.38 -6.71
C TRP B 28 -2.51 -1.55 -7.97
N LYS B 29 -1.89 -1.99 -9.06
CA LYS B 29 -2.01 -1.38 -10.39
C LYS B 29 -2.14 -2.50 -11.42
N CYS B 30 -2.91 -2.29 -12.47
CA CYS B 30 -2.86 -3.20 -13.64
C CYS B 30 -1.42 -3.28 -14.12
N SER B 31 -0.94 -4.49 -14.30
CA SER B 31 0.39 -4.80 -14.85
C SER B 31 0.58 -4.13 -16.21
N LYS B 32 -0.51 -3.91 -16.95
CA LYS B 32 -0.44 -3.56 -18.39
C LYS B 32 -0.84 -2.10 -18.62
N CYS B 33 -1.45 -1.41 -17.66
CA CYS B 33 -1.95 -0.01 -17.87
C CYS B 33 -2.02 0.73 -16.53
N ASP B 34 -2.63 1.92 -16.52
CA ASP B 34 -2.55 2.87 -15.37
C ASP B 34 -3.68 2.59 -14.36
N MET B 35 -4.58 1.67 -14.66
CA MET B 35 -5.82 1.52 -13.85
C MET B 35 -5.45 1.04 -12.46
N ARG B 36 -6.05 1.65 -11.44
CA ARG B 36 -5.82 1.34 -10.00
C ARG B 36 -7.13 0.80 -9.42
N GLU B 37 -8.17 0.66 -10.24
CA GLU B 37 -9.47 0.11 -9.79
C GLU B 37 -9.87 -0.97 -10.79
N ASN B 38 -10.86 -1.79 -10.42
CA ASN B 38 -11.42 -2.86 -11.29
C ASN B 38 -10.24 -3.76 -11.66
N LEU B 39 -9.51 -4.24 -10.65
CA LEU B 39 -8.29 -5.06 -10.82
C LEU B 39 -8.62 -6.48 -10.34
N TRP B 40 -8.13 -7.46 -11.11
CA TRP B 40 -8.38 -8.89 -10.87
C TRP B 40 -7.05 -9.64 -10.68
N LEU B 41 -6.92 -10.29 -9.53
CA LEU B 41 -5.77 -11.14 -9.16
C LEU B 41 -6.04 -12.54 -9.69
N ASN B 42 -5.31 -12.98 -10.70
CA ASN B 42 -5.45 -14.38 -11.20
C ASN B 42 -4.91 -15.31 -10.12
N LEU B 43 -5.70 -16.29 -9.70
CA LEU B 43 -5.30 -17.16 -8.57
C LEU B 43 -4.20 -18.13 -8.97
N THR B 44 -3.93 -18.34 -10.26
CA THR B 44 -2.87 -19.27 -10.70
C THR B 44 -1.49 -18.62 -10.56
N ASP B 45 -1.32 -17.41 -11.06
CA ASP B 45 0.02 -16.80 -11.29
C ASP B 45 0.22 -15.49 -10.52
N GLY B 46 -0.80 -15.01 -9.81
CA GLY B 46 -0.76 -13.74 -9.06
C GLY B 46 -0.66 -12.50 -9.93
N SER B 47 -0.89 -12.62 -11.24
CA SER B 47 -1.00 -11.45 -12.15
C SER B 47 -2.14 -10.53 -11.67
N ILE B 48 -1.92 -9.23 -11.67
CA ILE B 48 -2.96 -8.23 -11.34
C ILE B 48 -3.27 -7.45 -12.61
N LEU B 49 -4.49 -7.58 -13.13
CA LEU B 49 -4.88 -7.04 -14.45
C LEU B 49 -6.31 -6.49 -14.41
N CYS B 50 -6.60 -5.47 -15.23
CA CYS B 50 -7.89 -4.73 -15.19
C CYS B 50 -9.02 -5.55 -15.84
N GLY B 51 -10.26 -5.16 -15.51
CA GLY B 51 -11.46 -5.91 -15.89
C GLY B 51 -11.87 -5.66 -17.31
N ARG B 52 -12.82 -6.46 -17.78
CA ARG B 52 -13.30 -6.50 -19.18
C ARG B 52 -13.80 -5.11 -19.60
N ARG B 53 -13.56 -4.76 -20.86
CA ARG B 53 -14.17 -3.63 -21.57
C ARG B 53 -15.57 -4.05 -22.00
N TYR B 54 -16.58 -3.19 -21.83
CA TYR B 54 -17.94 -3.46 -22.36
C TYR B 54 -18.34 -2.42 -23.42
N PHE B 55 -19.29 -2.81 -24.26
CA PHE B 55 -19.69 -2.08 -25.50
C PHE B 55 -20.27 -0.71 -25.10
N ASP B 56 -20.73 -0.54 -23.86
CA ASP B 56 -21.38 0.73 -23.40
C ASP B 56 -20.33 1.71 -22.86
N GLY B 57 -19.03 1.38 -23.01
CA GLY B 57 -17.90 2.19 -22.50
C GLY B 57 -17.58 1.92 -21.03
N SER B 58 -18.32 1.03 -20.36
CA SER B 58 -18.06 0.64 -18.95
C SER B 58 -16.94 -0.40 -18.92
N GLY B 59 -16.47 -0.72 -17.71
CA GLY B 59 -15.43 -1.71 -17.42
C GLY B 59 -14.04 -1.14 -17.55
N GLY B 60 -13.06 -2.02 -17.76
CA GLY B 60 -11.64 -1.65 -17.75
C GLY B 60 -11.06 -1.72 -19.14
N ASN B 61 -9.76 -1.99 -19.21
CA ASN B 61 -9.00 -2.06 -20.48
C ASN B 61 -8.79 -3.54 -20.86
N ASN B 62 -9.54 -4.47 -20.28
CA ASN B 62 -9.68 -5.85 -20.81
C ASN B 62 -8.41 -6.69 -20.56
N HIS B 63 -7.49 -6.26 -19.70
CA HIS B 63 -6.18 -6.95 -19.55
C HIS B 63 -6.36 -8.31 -18.88
N ALA B 64 -7.23 -8.46 -17.89
CA ALA B 64 -7.39 -9.77 -17.17
C ALA B 64 -7.92 -10.85 -18.12
N VAL B 65 -8.90 -10.52 -18.96
CA VAL B 65 -9.52 -11.55 -19.85
C VAL B 65 -8.56 -11.89 -21.00
N GLU B 66 -7.77 -10.95 -21.48
CA GLU B 66 -6.76 -11.22 -22.53
C GLU B 66 -5.72 -12.21 -21.96
N HIS B 67 -5.38 -12.07 -20.68
CA HIS B 67 -4.41 -12.94 -19.96
C HIS B 67 -5.02 -14.33 -19.82
N TYR B 68 -6.31 -14.42 -19.52
CA TYR B 68 -7.04 -15.71 -19.47
C TYR B 68 -6.95 -16.37 -20.85
N ARG B 69 -7.23 -15.61 -21.91
CA ARG B 69 -7.22 -16.12 -23.31
C ARG B 69 -5.85 -16.74 -23.62
N GLU B 70 -4.76 -16.08 -23.20
CA GLU B 70 -3.37 -16.54 -23.40
C GLU B 70 -3.07 -17.78 -22.55
N THR B 71 -3.42 -17.81 -21.27
CA THR B 71 -2.89 -18.80 -20.30
C THR B 71 -3.87 -19.94 -20.04
N GLY B 72 -5.17 -19.68 -20.03
CA GLY B 72 -6.18 -20.67 -19.60
C GLY B 72 -6.34 -20.72 -18.07
N TYR B 73 -5.76 -19.78 -17.34
CA TYR B 73 -5.85 -19.73 -15.85
C TYR B 73 -7.21 -19.14 -15.48
N PRO B 74 -8.19 -19.95 -14.99
CA PRO B 74 -9.59 -19.57 -15.06
C PRO B 74 -10.18 -18.75 -13.90
N LEU B 75 -9.54 -18.74 -12.71
CA LEU B 75 -10.08 -18.06 -11.50
C LEU B 75 -9.33 -16.76 -11.21
N ALA B 76 -10.07 -15.71 -10.85
CA ALA B 76 -9.49 -14.43 -10.43
C ALA B 76 -10.39 -13.79 -9.37
N VAL B 77 -9.78 -13.03 -8.46
N VAL B 77 -9.77 -12.98 -8.52
CA VAL B 77 -10.48 -12.36 -7.34
CA VAL B 77 -10.39 -12.32 -7.34
C VAL B 77 -10.33 -10.84 -7.51
C VAL B 77 -10.31 -10.82 -7.53
N LYS B 78 -11.42 -10.12 -7.29
CA LYS B 78 -11.43 -8.66 -7.43
C LYS B 78 -10.73 -8.05 -6.21
N LEU B 79 -9.58 -7.42 -6.45
CA LEU B 79 -8.84 -6.65 -5.43
C LEU B 79 -9.75 -5.54 -4.88
N GLY B 80 -9.72 -5.31 -3.56
CA GLY B 80 -10.60 -4.33 -2.90
C GLY B 80 -11.88 -4.97 -2.39
N THR B 81 -12.16 -6.23 -2.73
CA THR B 81 -13.35 -6.96 -2.25
C THR B 81 -12.95 -8.04 -1.23
N ILE B 82 -11.67 -8.14 -0.87
CA ILE B 82 -11.21 -9.21 0.06
C ILE B 82 -11.48 -8.73 1.50
N THR B 83 -12.26 -9.51 2.25
CA THR B 83 -12.54 -9.29 3.69
C THR B 83 -12.42 -10.62 4.41
N PRO B 84 -12.46 -10.64 5.76
CA PRO B 84 -12.60 -11.88 6.49
C PRO B 84 -13.87 -12.65 6.04
N ASP B 85 -14.88 -11.94 5.53
CA ASP B 85 -16.23 -12.51 5.22
C ASP B 85 -16.33 -12.97 3.75
N GLY B 86 -15.31 -12.68 2.91
CA GLY B 86 -15.21 -13.30 1.58
C GLY B 86 -14.51 -12.43 0.57
N ALA B 87 -14.94 -12.52 -0.68
CA ALA B 87 -14.33 -11.87 -1.85
C ALA B 87 -15.17 -12.15 -3.09
N ASP B 88 -15.04 -11.30 -4.10
CA ASP B 88 -15.63 -11.53 -5.42
C ASP B 88 -14.65 -12.38 -6.22
N VAL B 89 -15.00 -13.66 -6.45
CA VAL B 89 -14.22 -14.61 -7.30
C VAL B 89 -14.99 -14.81 -8.59
N TYR B 90 -14.30 -14.73 -9.73
CA TYR B 90 -14.88 -14.94 -11.09
C TYR B 90 -14.16 -16.09 -11.77
N SER B 91 -14.92 -16.91 -12.49
CA SER B 91 -14.42 -18.00 -13.33
C SER B 91 -14.67 -17.63 -14.80
N TYR B 92 -13.62 -17.56 -15.61
CA TYR B 92 -13.74 -17.14 -17.03
C TYR B 92 -14.48 -18.22 -17.85
N ASP B 93 -14.18 -19.48 -17.63
CA ASP B 93 -14.75 -20.55 -18.50
C ASP B 93 -16.12 -20.98 -17.95
N GLU B 94 -16.43 -20.74 -16.69
CA GLU B 94 -17.82 -20.92 -16.19
C GLU B 94 -18.63 -19.63 -16.41
N ASP B 95 -17.96 -18.53 -16.76
CA ASP B 95 -18.60 -17.23 -17.08
C ASP B 95 -19.50 -16.80 -15.92
N ASP B 96 -19.03 -16.92 -14.68
CA ASP B 96 -19.85 -16.66 -13.46
C ASP B 96 -18.98 -16.16 -12.33
N MET B 97 -19.55 -15.31 -11.45
CA MET B 97 -19.09 -15.18 -10.04
C MET B 97 -19.29 -16.54 -9.39
N VAL B 98 -18.27 -17.05 -8.69
CA VAL B 98 -18.26 -18.44 -8.15
C VAL B 98 -17.80 -18.38 -6.69
N LEU B 99 -18.07 -19.45 -5.96
CA LEU B 99 -17.47 -19.73 -4.64
C LEU B 99 -16.18 -20.51 -4.82
N ASP B 100 -15.17 -20.17 -4.01
CA ASP B 100 -13.89 -20.89 -3.87
C ASP B 100 -13.76 -21.27 -2.40
N PRO B 101 -14.19 -22.50 -2.01
CA PRO B 101 -14.13 -22.93 -0.59
C PRO B 101 -12.69 -22.97 -0.07
N SER B 102 -11.71 -23.01 -0.97
CA SER B 102 -10.26 -23.04 -0.62
C SER B 102 -9.64 -21.65 -0.78
N LEU B 103 -10.45 -20.60 -0.85
CA LEU B 103 -9.97 -19.22 -1.10
C LEU B 103 -8.88 -18.83 -0.09
N ALA B 104 -9.07 -19.11 1.20
CA ALA B 104 -8.09 -18.68 2.24
C ALA B 104 -6.69 -19.20 1.87
N GLU B 105 -6.57 -20.44 1.37
CA GLU B 105 -5.27 -21.07 1.03
C GLU B 105 -4.74 -20.47 -0.29
N HIS B 106 -5.62 -20.27 -1.26
CA HIS B 106 -5.26 -19.67 -2.58
C HIS B 106 -4.67 -18.28 -2.36
N LEU B 107 -5.23 -17.49 -1.44
CA LEU B 107 -4.71 -16.15 -1.09
C LEU B 107 -3.45 -16.26 -0.21
N SER B 108 -3.38 -17.21 0.72
CA SER B 108 -2.18 -17.45 1.55
C SER B 108 -0.97 -17.76 0.64
N HIS B 109 -1.20 -18.40 -0.51
CA HIS B 109 -0.13 -18.66 -1.54
C HIS B 109 0.57 -17.33 -1.89
N PHE B 110 -0.15 -16.21 -1.92
CA PHE B 110 0.40 -14.89 -2.29
C PHE B 110 0.78 -14.07 -1.05
N GLY B 111 0.77 -14.69 0.15
CA GLY B 111 1.07 -14.00 1.43
C GLY B 111 -0.03 -13.03 1.80
N ILE B 112 -1.24 -13.28 1.34
CA ILE B 112 -2.41 -12.40 1.63
C ILE B 112 -3.07 -12.92 2.90
N ASP B 113 -3.26 -12.04 3.87
CA ASP B 113 -4.06 -12.30 5.09
C ASP B 113 -5.40 -11.57 4.90
N MET B 114 -6.51 -12.32 4.88
CA MET B 114 -7.84 -11.78 4.51
C MET B 114 -8.33 -10.74 5.55
N LEU B 115 -7.68 -10.64 6.70
CA LEU B 115 -7.95 -9.55 7.69
C LEU B 115 -7.20 -8.27 7.28
N LYS B 116 -6.22 -8.35 6.39
CA LYS B 116 -5.24 -7.27 6.16
C LYS B 116 -5.10 -7.00 4.65
N MET B 117 -6.23 -6.79 3.97
CA MET B 117 -6.30 -6.24 2.59
C MET B 117 -7.16 -4.98 2.60
N GLN B 118 -6.72 -3.93 1.91
CA GLN B 118 -7.47 -2.66 1.73
C GLN B 118 -8.80 -2.96 1.03
N LYS B 119 -9.93 -2.57 1.65
CA LYS B 119 -11.30 -2.68 1.10
C LYS B 119 -11.60 -1.41 0.29
N THR B 120 -12.20 -1.56 -0.89
CA THR B 120 -12.59 -0.46 -1.81
C THR B 120 -13.99 -0.74 -2.36
ZN ZN C . -0.12 6.30 17.63
C7 ZOG D . -6.56 21.83 12.59
C8 ZOG D . -7.17 22.78 11.80
C9 ZOG D . -6.44 23.70 11.12
O1 ZOG D . 2.22 15.82 14.50
C1 ZOG D . -0.72 23.58 12.75
C5 ZOG D . -4.42 22.75 11.96
C6 ZOG D . -5.17 21.83 12.66
C4 ZOG D . -2.90 22.65 11.96
O4 ZOG D . 1.71 23.58 9.83
C3 ZOG D . -2.31 22.60 10.55
O3 ZOG D . 1.86 24.71 12.03
C2 ZOG D . -0.80 22.39 10.61
S ZOG D . 1.44 23.59 11.23
C11 ZOG D . 2.14 22.13 11.91
C16 ZOG D . 2.35 21.02 11.10
C15 ZOG D . 2.81 19.84 11.64
C14 ZOG D . 3.11 19.76 13.01
C17 ZOG D . 3.72 18.53 13.59
O2 ZOG D . 4.06 18.48 14.76
C18 ZOG D . 3.88 17.31 12.70
C19 ZOG D . 4.39 16.10 13.48
C20 ZOG D . 3.43 15.58 14.50
O ZOG D . 4.00 14.82 15.38
C13 ZOG D . 2.92 20.89 13.81
C12 ZOG D . 2.42 22.07 13.27
N ZOG D . -0.19 23.48 11.39
C ZOG D . -2.23 23.78 12.72
C10 ZOG D . -5.06 23.70 11.18
F ZOG D . -7.09 24.65 10.41
F1 ZOG D . -8.52 22.84 11.75
ZN ZN E . -5.05 -2.85 -17.69
C1 EDO F . 4.18 -17.20 -10.68
O1 EDO F . 3.95 -17.70 -9.36
C2 EDO F . 4.95 -15.92 -10.71
O2 EDO F . 6.31 -16.01 -10.28
C7 ZOG G . -26.13 -4.77 -16.62
C8 ZOG G . -27.05 -5.31 -17.47
C9 ZOG G . -26.91 -6.60 -17.95
O1 ZOG G . -13.43 -8.36 -15.98
C1 ZOG G . -23.22 -10.13 -15.39
C5 ZOG G . -24.92 -6.87 -16.65
C6 ZOG G . -25.06 -5.55 -16.21
C4 ZOG G . -24.09 -7.84 -15.83
O4 ZOG G . -21.45 -9.92 -12.23
C3 ZOG G . -22.86 -7.27 -15.18
O3 ZOG G . -21.82 -11.86 -13.74
C2 ZOG G . -22.43 -8.19 -14.05
S ZOG G . -21.35 -10.52 -13.52
C11 ZOG G . -19.67 -10.46 -14.01
C16 ZOG G . -18.71 -9.97 -13.14
C15 ZOG G . -17.41 -9.88 -13.56
C14 ZOG G . -17.05 -10.26 -14.85
C17 ZOG G . -15.64 -10.42 -15.25
O2 ZOG G . -15.37 -10.88 -16.36
C18 ZOG G . -14.56 -10.19 -14.23
C19 ZOG G . -13.18 -10.41 -14.79
C20 ZOG G . -12.85 -9.41 -15.85
O ZOG G . -11.89 -9.78 -16.61
C13 ZOG G . -18.03 -10.71 -15.72
C12 ZOG G . -19.34 -10.83 -15.30
N ZOG G . -22.14 -9.54 -14.56
C ZOG G . -23.72 -9.16 -16.48
C10 ZOG G . -25.82 -7.36 -17.59
F ZOG G . -27.86 -7.14 -18.73
F1 ZOG G . -28.11 -4.56 -17.88
CA CA H . -22.48 -19.21 -16.86
#